data_5K8E
#
_entry.id   5K8E
#
_cell.length_a   123.951
_cell.length_b   59.440
_cell.length_c   68.693
_cell.angle_alpha   90.00
_cell.angle_beta   90.62
_cell.angle_gamma   90.00
#
_symmetry.space_group_name_H-M   'C 1 2 1'
#
loop_
_entity.id
_entity.type
_entity.pdbx_description
1 polymer 'FAD linked oxidase-like protein'
2 branched 2-acetamido-2-deoxy-beta-D-glucopyranose-(1-4)-2-acetamido-2-deoxy-beta-D-glucopyranose
3 non-polymer 'FLAVIN-ADENINE DINUCLEOTIDE'
4 non-polymer 2-acetamido-2-deoxy-beta-D-glucopyranose
5 non-polymer '2-(N-MORPHOLINO)-ETHANESULFONIC ACID'
6 non-polymer GLYCEROL
7 water water
#
_entity_poly.entity_id   1
_entity_poly.type   'polypeptide(L)'
_entity_poly.pdbx_seq_one_letter_code
;MHLLPLTVSATAVVSAASSPHAKRAAIDECLKNAKVPVTARNSTEWKTDASPFNDRLPYTPAAIAKPATVEHIQAAVLCA
AEVGVKANPKSGGHSYASFGLGGEDGHLVVELDRMYNVTLDPETHIATVQPGARLGHIATVLYEEGKRAFSHGTCPGVGV
GGHSLHGGFGFSSHSHGLAVDWITSADVVLANGSLVTASETENPDLFWALRGAGSNFGIVASFRFKTFAAPPNVTSYEIN
LPWTNSSNVVKGWGALQEWLLNGGMPEEMNMRVLGNAFQTQLQGLYHGNASALKTAIQPLLALLDANLSSVQEHDWMEGF
RHYAYSGEIDITDPGYDQSETFYSKSLVTSALPPDVLERVAEYWIETANKVRRSWYIIIDMYGGPNSAVTRVPPGAGSYA
FRDPERHLFLYELYDRSFGPYPDDGFAFLDGWVHAFTGGLDSSDWGMYINYADPGLDRAEAQEVYYRQNLDRLRRIKQQL
DPTELFYYPQAVEPAEV
;
_entity_poly.pdbx_strand_id   A
#
# COMPACT_ATOMS: atom_id res chain seq x y z
N ALA A 25 -21.05 -26.35 6.75
CA ALA A 25 -21.37 -26.40 5.29
C ALA A 25 -20.28 -27.17 4.53
N ALA A 26 -20.44 -27.30 3.22
CA ALA A 26 -19.48 -28.07 2.42
C ALA A 26 -18.05 -27.57 2.57
N ILE A 27 -17.83 -26.26 2.54
CA ILE A 27 -16.46 -25.76 2.69
C ILE A 27 -15.84 -26.20 4.02
N ASP A 28 -16.62 -26.16 5.09
CA ASP A 28 -16.12 -26.60 6.41
C ASP A 28 -15.72 -28.07 6.44
N GLU A 29 -16.57 -28.92 5.86
CA GLU A 29 -16.27 -30.35 5.79
C GLU A 29 -15.08 -30.62 4.89
N CYS A 30 -14.92 -29.86 3.82
CA CYS A 30 -13.79 -30.08 2.93
C CYS A 30 -12.48 -29.76 3.65
N LEU A 31 -12.45 -28.63 4.34
CA LEU A 31 -11.26 -28.23 5.10
C LEU A 31 -10.93 -29.26 6.19
N LYS A 32 -11.95 -29.73 6.91
CA LYS A 32 -11.72 -30.73 7.93
C LYS A 32 -11.10 -32.00 7.35
N ASN A 33 -11.68 -32.54 6.27
CA ASN A 33 -11.14 -33.76 5.62
CA ASN A 33 -11.14 -33.75 5.67
C ASN A 33 -9.73 -33.54 5.13
N ALA A 34 -9.44 -32.33 4.66
CA ALA A 34 -8.10 -31.97 4.17
C ALA A 34 -7.10 -31.61 5.28
N LYS A 35 -7.55 -31.65 6.54
CA LYS A 35 -6.70 -31.40 7.71
C LYS A 35 -6.12 -29.98 7.71
N VAL A 36 -6.93 -29.02 7.27
CA VAL A 36 -6.56 -27.62 7.28
C VAL A 36 -7.04 -27.03 8.60
N PRO A 37 -6.15 -26.38 9.37
CA PRO A 37 -6.62 -25.69 10.57
C PRO A 37 -7.56 -24.54 10.20
N VAL A 38 -8.59 -24.34 11.02
CA VAL A 38 -9.59 -23.32 10.75
C VAL A 38 -9.92 -22.56 12.03
N THR A 39 -10.50 -21.38 11.88
CA THR A 39 -11.12 -20.68 12.99
C THR A 39 -12.61 -20.97 12.92
N ALA A 40 -13.13 -21.67 13.94
CA ALA A 40 -14.53 -22.08 13.94
C ALA A 40 -15.44 -20.86 14.11
N ARG A 41 -16.60 -20.91 13.46
CA ARG A 41 -17.61 -19.85 13.49
C ARG A 41 -18.01 -19.50 14.93
N ASN A 42 -18.15 -20.52 15.77
CA ASN A 42 -18.56 -20.35 17.17
C ASN A 42 -17.34 -20.28 18.11
N SER A 43 -16.29 -19.58 17.70
CA SER A 43 -15.10 -19.39 18.55
C SER A 43 -14.88 -17.91 18.83
N THR A 44 -14.09 -17.61 19.86
CA THR A 44 -13.71 -16.23 20.20
C THR A 44 -12.90 -15.61 19.07
N GLU A 45 -12.06 -16.44 18.45
CA GLU A 45 -11.07 -15.96 17.49
C GLU A 45 -11.69 -15.58 16.16
N TRP A 46 -12.90 -16.05 15.89
CA TRP A 46 -13.61 -15.70 14.67
C TRP A 46 -13.74 -14.20 14.53
N LYS A 47 -14.15 -13.56 15.63
CA LYS A 47 -14.30 -12.10 15.66
C LYS A 47 -13.03 -11.39 15.21
N THR A 48 -11.90 -11.80 15.76
CA THR A 48 -10.63 -11.19 15.44
C THR A 48 -10.19 -11.52 14.03
N ASP A 49 -10.23 -12.80 13.67
CA ASP A 49 -9.81 -13.21 12.33
C ASP A 49 -10.69 -12.60 11.23
N ALA A 50 -11.98 -12.41 11.51
CA ALA A 50 -12.92 -11.86 10.52
C ALA A 50 -12.95 -10.32 10.47
N SER A 51 -12.25 -9.65 11.35
CA SER A 51 -12.51 -8.23 11.53
C SER A 51 -11.83 -7.41 10.43
N PRO A 52 -12.47 -6.30 10.04
CA PRO A 52 -11.88 -5.43 9.03
C PRO A 52 -10.92 -4.45 9.69
N PHE A 53 -10.02 -3.85 8.91
CA PHE A 53 -9.33 -2.66 9.41
C PHE A 53 -10.32 -1.49 9.40
N ASN A 54 -11.11 -1.42 8.35
CA ASN A 54 -12.10 -0.36 8.20
C ASN A 54 -13.44 -0.86 8.73
N ASP A 55 -13.83 -0.38 9.90
CA ASP A 55 -15.06 -0.83 10.54
C ASP A 55 -16.31 -0.41 9.79
N ARG A 56 -16.16 0.44 8.79
CA ARG A 56 -17.26 0.75 7.89
C ARG A 56 -17.62 -0.45 7.00
N LEU A 57 -16.71 -1.39 6.80
CA LEU A 57 -16.92 -2.49 5.87
C LEU A 57 -16.62 -3.88 6.46
N PRO A 58 -17.44 -4.34 7.42
CA PRO A 58 -17.30 -5.72 7.87
C PRO A 58 -17.90 -6.65 6.84
N TYR A 59 -17.30 -7.82 6.70
CA TYR A 59 -17.90 -8.89 5.93
C TYR A 59 -17.81 -10.17 6.73
N THR A 60 -18.76 -11.07 6.49
CA THR A 60 -18.80 -12.36 7.14
C THR A 60 -18.31 -13.44 6.17
N PRO A 61 -17.11 -14.00 6.41
CA PRO A 61 -16.60 -15.09 5.58
C PRO A 61 -17.44 -16.36 5.65
N ALA A 62 -17.36 -17.16 4.58
CA ALA A 62 -17.92 -18.49 4.57
C ALA A 62 -17.23 -19.36 5.61
N ALA A 63 -15.90 -19.22 5.67
CA ALA A 63 -15.07 -19.95 6.60
C ALA A 63 -13.72 -19.24 6.66
N ILE A 64 -12.92 -19.58 7.66
CA ILE A 64 -11.60 -18.98 7.81
C ILE A 64 -10.58 -20.09 8.01
N ALA A 65 -9.75 -20.27 7.00
CA ALA A 65 -8.62 -21.17 7.09
C ALA A 65 -7.46 -20.44 7.78
N LYS A 66 -6.72 -21.20 8.58
CA LYS A 66 -5.71 -20.69 9.46
C LYS A 66 -4.40 -21.48 9.19
N PRO A 67 -3.86 -21.36 7.98
CA PRO A 67 -2.71 -22.18 7.61
C PRO A 67 -1.46 -21.93 8.45
N ALA A 68 -0.73 -23.00 8.72
CA ALA A 68 0.63 -22.90 9.26
C ALA A 68 1.70 -23.28 8.23
N THR A 69 1.31 -23.77 7.06
N THR A 69 1.28 -23.80 7.07
CA THR A 69 2.27 -24.11 6.02
CA THR A 69 2.18 -24.32 6.04
C THR A 69 1.65 -23.99 4.65
C THR A 69 1.63 -24.00 4.65
N VAL A 70 2.51 -23.95 3.64
CA VAL A 70 2.07 -23.84 2.25
C VAL A 70 1.12 -24.99 1.90
N GLU A 71 1.34 -26.16 2.48
CA GLU A 71 0.45 -27.29 2.23
C GLU A 71 -0.99 -26.92 2.62
N HIS A 72 -1.17 -26.23 3.74
CA HIS A 72 -2.50 -25.84 4.19
C HIS A 72 -3.12 -24.84 3.25
N ILE A 73 -2.30 -23.92 2.74
CA ILE A 73 -2.77 -22.94 1.76
C ILE A 73 -3.25 -23.67 0.50
N GLN A 74 -2.47 -24.63 0.01
CA GLN A 74 -2.89 -25.42 -1.16
C GLN A 74 -4.21 -26.11 -0.90
N ALA A 75 -4.31 -26.77 0.25
CA ALA A 75 -5.49 -27.54 0.57
C ALA A 75 -6.72 -26.64 0.68
N ALA A 76 -6.53 -25.45 1.25
CA ALA A 76 -7.65 -24.51 1.39
C ALA A 76 -8.13 -24.01 0.04
N VAL A 77 -7.20 -23.65 -0.83
CA VAL A 77 -7.54 -23.21 -2.18
C VAL A 77 -8.30 -24.33 -2.92
N LEU A 78 -7.77 -25.56 -2.84
CA LEU A 78 -8.40 -26.68 -3.52
C LEU A 78 -9.83 -26.89 -3.04
N CYS A 79 -10.04 -26.78 -1.74
CA CYS A 79 -11.36 -26.93 -1.16
C CYS A 79 -12.34 -25.88 -1.70
N ALA A 80 -11.89 -24.63 -1.77
CA ALA A 80 -12.69 -23.57 -2.35
C ALA A 80 -13.06 -23.91 -3.79
N ALA A 81 -12.08 -24.34 -4.57
CA ALA A 81 -12.32 -24.68 -5.96
C ALA A 81 -13.30 -25.89 -6.06
N GLU A 82 -13.12 -26.89 -5.23
CA GLU A 82 -13.97 -28.09 -5.32
C GLU A 82 -15.41 -27.84 -4.86
N VAL A 83 -15.56 -27.10 -3.78
CA VAL A 83 -16.86 -26.80 -3.21
C VAL A 83 -17.60 -25.74 -4.02
N GLY A 84 -16.87 -24.79 -4.58
CA GLY A 84 -17.50 -23.75 -5.39
C GLY A 84 -17.75 -22.47 -4.60
N VAL A 85 -16.76 -22.03 -3.82
CA VAL A 85 -16.80 -20.71 -3.19
C VAL A 85 -15.55 -19.95 -3.58
N LYS A 86 -15.59 -18.63 -3.47
CA LYS A 86 -14.42 -17.79 -3.74
C LYS A 86 -13.48 -17.83 -2.55
N ALA A 87 -12.19 -17.57 -2.80
CA ALA A 87 -11.19 -17.56 -1.72
C ALA A 87 -10.27 -16.36 -1.83
N ASN A 88 -9.85 -15.81 -0.69
CA ASN A 88 -8.94 -14.67 -0.67
C ASN A 88 -7.99 -14.78 0.50
N PRO A 89 -6.69 -14.51 0.25
CA PRO A 89 -5.73 -14.43 1.33
C PRO A 89 -5.90 -13.13 2.10
N LYS A 90 -5.70 -13.22 3.41
CA LYS A 90 -5.65 -12.08 4.29
C LYS A 90 -4.32 -12.17 5.05
N SER A 91 -3.50 -11.14 4.86
CA SER A 91 -2.17 -11.08 5.44
C SER A 91 -2.25 -10.17 6.67
N GLY A 92 -2.21 -8.85 6.49
CA GLY A 92 -2.34 -7.92 7.60
C GLY A 92 -3.75 -7.39 7.83
N GLY A 93 -4.63 -7.60 6.86
CA GLY A 93 -6.02 -7.13 6.93
C GLY A 93 -6.24 -5.63 6.82
N HIS A 94 -5.26 -4.91 6.28
CA HIS A 94 -5.35 -3.45 6.18
C HIS A 94 -6.06 -2.88 4.96
N SER A 95 -6.60 -3.72 4.10
CA SER A 95 -7.31 -3.23 2.93
C SER A 95 -8.36 -2.19 3.33
N TYR A 96 -8.34 -1.02 2.71
CA TYR A 96 -9.33 0.02 3.00
C TYR A 96 -10.75 -0.38 2.57
N ALA A 97 -10.84 -1.41 1.70
CA ALA A 97 -12.09 -1.96 1.19
C ALA A 97 -12.42 -3.36 1.75
N SER A 98 -11.61 -3.81 2.71
CA SER A 98 -11.74 -5.14 3.30
C SER A 98 -11.68 -6.24 2.26
N PHE A 99 -10.84 -6.06 1.23
CA PHE A 99 -10.73 -7.09 0.20
C PHE A 99 -10.02 -8.35 0.66
N GLY A 100 -9.30 -8.30 1.78
CA GLY A 100 -8.72 -9.49 2.39
C GLY A 100 -9.78 -10.42 2.92
N LEU A 101 -10.97 -9.87 3.17
CA LEU A 101 -12.13 -10.65 3.59
C LEU A 101 -12.99 -11.09 2.40
N GLY A 102 -12.65 -10.60 1.20
CA GLY A 102 -13.36 -10.93 -0.02
C GLY A 102 -14.16 -9.76 -0.58
N GLY A 103 -14.28 -8.66 0.17
CA GLY A 103 -15.04 -7.49 -0.28
C GLY A 103 -16.55 -7.68 -0.38
N GLU A 104 -17.01 -8.81 0.13
CA GLU A 104 -18.42 -9.17 0.19
C GLU A 104 -18.48 -10.37 1.13
N ASP A 105 -19.67 -10.72 1.58
CA ASP A 105 -19.84 -11.87 2.45
C ASP A 105 -19.62 -13.15 1.67
N GLY A 106 -19.27 -14.21 2.37
CA GLY A 106 -19.35 -15.58 1.83
C GLY A 106 -18.15 -16.14 1.10
N HIS A 107 -16.95 -15.56 1.31
CA HIS A 107 -15.72 -16.14 0.76
C HIS A 107 -14.99 -16.93 1.81
N LEU A 108 -14.20 -17.91 1.34
CA LEU A 108 -13.19 -18.52 2.19
C LEU A 108 -12.08 -17.50 2.35
N VAL A 109 -11.78 -17.17 3.60
CA VAL A 109 -10.68 -16.30 3.93
C VAL A 109 -9.55 -17.18 4.39
N VAL A 110 -8.41 -17.06 3.70
CA VAL A 110 -7.19 -17.76 4.08
C VAL A 110 -6.37 -16.80 4.93
N GLU A 111 -6.55 -16.89 6.23
CA GLU A 111 -5.92 -16.01 7.20
C GLU A 111 -4.46 -16.42 7.39
N LEU A 112 -3.53 -15.55 7.01
CA LEU A 112 -2.10 -15.89 6.93
C LEU A 112 -1.28 -15.45 8.14
N ASP A 113 -1.92 -14.85 9.13
CA ASP A 113 -1.13 -14.21 10.19
C ASP A 113 -0.57 -15.12 11.26
N ARG A 114 -0.77 -16.43 11.16
CA ARG A 114 0.01 -17.36 11.98
C ARG A 114 1.34 -17.67 11.27
N MET A 115 1.48 -17.25 10.00
CA MET A 115 2.73 -17.45 9.25
C MET A 115 3.50 -16.13 9.13
N TYR A 116 4.36 -15.84 10.11
CA TYR A 116 5.03 -14.53 10.18
C TYR A 116 6.54 -14.59 10.40
N ASN A 117 7.12 -15.77 10.21
CA ASN A 117 8.56 -15.92 10.41
C ASN A 117 9.35 -15.16 9.37
N VAL A 118 10.43 -14.53 9.84
CA VAL A 118 11.36 -13.81 9.00
C VAL A 118 12.75 -14.38 9.23
N THR A 119 13.40 -14.78 8.15
CA THR A 119 14.72 -15.40 8.17
C THR A 119 15.61 -14.49 7.32
N LEU A 120 16.82 -14.21 7.78
CA LEU A 120 17.76 -13.37 7.04
C LEU A 120 19.06 -14.14 6.82
N ASP A 121 19.45 -14.31 5.57
CA ASP A 121 20.74 -14.92 5.25
C ASP A 121 21.86 -13.92 5.55
N PRO A 122 22.80 -14.28 6.45
CA PRO A 122 23.96 -13.41 6.77
C PRO A 122 24.90 -13.09 5.61
N GLU A 123 24.89 -13.91 4.57
CA GLU A 123 25.84 -13.80 3.46
C GLU A 123 25.26 -12.95 2.33
N THR A 124 24.10 -13.35 1.84
CA THR A 124 23.48 -12.70 0.68
C THR A 124 22.59 -11.54 1.07
N HIS A 125 22.28 -11.46 2.37
CA HIS A 125 21.34 -10.46 2.90
C HIS A 125 19.93 -10.56 2.34
N ILE A 126 19.57 -11.74 1.81
CA ILE A 126 18.22 -12.01 1.35
C ILE A 126 17.36 -12.47 2.52
N ALA A 127 16.19 -11.87 2.68
CA ALA A 127 15.28 -12.25 3.74
C ALA A 127 14.16 -13.13 3.21
N THR A 128 13.89 -14.24 3.91
CA THR A 128 12.73 -15.07 3.63
C THR A 128 11.61 -14.70 4.58
N VAL A 129 10.47 -14.29 4.03
CA VAL A 129 9.41 -13.65 4.79
C VAL A 129 8.09 -14.37 4.54
N GLN A 130 7.49 -14.89 5.61
CA GLN A 130 6.20 -15.55 5.50
C GLN A 130 5.13 -14.49 5.24
N PRO A 131 4.09 -14.87 4.50
CA PRO A 131 3.17 -13.89 3.92
C PRO A 131 2.25 -13.19 4.90
N GLY A 132 2.23 -13.67 6.16
CA GLY A 132 1.47 -13.03 7.23
C GLY A 132 2.30 -12.09 8.08
N ALA A 133 3.57 -11.89 7.73
CA ALA A 133 4.45 -11.01 8.51
C ALA A 133 4.06 -9.56 8.32
N ARG A 134 3.98 -8.82 9.42
CA ARG A 134 3.65 -7.40 9.36
C ARG A 134 4.94 -6.58 9.31
N LEU A 135 4.80 -5.36 8.80
CA LEU A 135 5.96 -4.52 8.46
C LEU A 135 6.87 -4.22 9.66
N GLY A 136 6.25 -3.96 10.81
CA GLY A 136 7.01 -3.67 12.02
C GLY A 136 7.87 -4.85 12.42
N HIS A 137 7.31 -6.05 12.33
CA HIS A 137 8.05 -7.25 12.69
C HIS A 137 9.19 -7.44 11.71
N ILE A 138 8.91 -7.26 10.42
CA ILE A 138 9.92 -7.41 9.39
C ILE A 138 11.09 -6.45 9.64
N ALA A 139 10.79 -5.17 9.74
CA ALA A 139 11.79 -4.14 10.03
C ALA A 139 12.63 -4.46 11.27
N THR A 140 11.97 -4.89 12.34
CA THR A 140 12.66 -5.24 13.57
C THR A 140 13.65 -6.38 13.36
N VAL A 141 13.19 -7.45 12.73
CA VAL A 141 14.06 -8.62 12.54
C VAL A 141 15.25 -8.28 11.64
N LEU A 142 15.00 -7.60 10.53
CA LEU A 142 16.08 -7.28 9.59
C LEU A 142 17.12 -6.38 10.24
N TYR A 143 16.66 -5.40 11.01
CA TYR A 143 17.57 -4.50 11.65
C TYR A 143 18.35 -5.19 12.78
N GLU A 144 17.65 -5.86 13.67
CA GLU A 144 18.28 -6.49 14.82
C GLU A 144 19.27 -7.56 14.42
N GLU A 145 18.98 -8.31 13.36
CA GLU A 145 19.85 -9.40 12.99
C GLU A 145 21.04 -9.01 12.11
N GLY A 146 20.88 -8.01 11.25
CA GLY A 146 21.95 -7.66 10.34
C GLY A 146 22.05 -6.20 9.94
N LYS A 147 21.38 -5.32 10.68
CA LYS A 147 21.29 -3.91 10.32
C LYS A 147 20.85 -3.73 8.87
N ARG A 148 19.87 -4.53 8.45
CA ARG A 148 19.39 -4.50 7.11
C ARG A 148 17.99 -3.91 7.11
N ALA A 149 17.51 -3.56 5.91
CA ALA A 149 16.14 -3.10 5.72
C ALA A 149 15.76 -3.26 4.26
N PHE A 150 14.47 -3.17 3.98
CA PHE A 150 14.05 -2.85 2.63
C PHE A 150 13.05 -1.71 2.70
N SER A 151 12.66 -1.18 1.54
CA SER A 151 11.83 0.02 1.49
C SER A 151 10.38 -0.37 1.62
N HIS A 152 9.69 0.18 2.60
CA HIS A 152 8.29 -0.13 2.80
C HIS A 152 7.55 1.00 3.51
N GLY A 153 6.27 0.78 3.78
CA GLY A 153 5.39 1.81 4.31
C GLY A 153 5.63 2.01 5.79
N THR A 154 5.00 3.04 6.31
CA THR A 154 4.89 3.30 7.72
C THR A 154 3.67 2.51 8.18
N CYS A 155 3.53 2.26 9.46
CA CYS A 155 2.36 1.49 9.89
C CYS A 155 2.84 0.07 10.12
N PRO A 156 3.26 -0.22 11.35
CA PRO A 156 3.83 -1.52 11.66
C PRO A 156 2.88 -2.71 11.56
N GLY A 157 1.57 -2.47 11.63
CA GLY A 157 0.58 -3.57 11.57
C GLY A 157 0.22 -4.02 10.16
N VAL A 158 0.69 -3.28 9.16
CA VAL A 158 0.40 -3.60 7.78
C VAL A 158 1.06 -4.93 7.40
N GLY A 159 0.29 -5.76 6.70
CA GLY A 159 0.77 -7.05 6.26
C GLY A 159 1.65 -6.91 5.04
N VAL A 160 2.68 -7.74 4.96
CA VAL A 160 3.57 -7.71 3.81
C VAL A 160 2.87 -8.18 2.52
N GLY A 161 1.88 -9.04 2.67
CA GLY A 161 1.14 -9.59 1.52
C GLY A 161 0.44 -8.57 0.64
N GLY A 162 -0.52 -7.84 1.19
CA GLY A 162 -1.19 -6.82 0.41
C GLY A 162 -0.26 -5.67 0.05
N HIS A 163 0.58 -5.27 0.99
CA HIS A 163 1.44 -4.12 0.82
C HIS A 163 2.42 -4.26 -0.35
N SER A 164 3.19 -5.33 -0.35
CA SER A 164 4.28 -5.47 -1.32
C SER A 164 3.77 -5.92 -2.69
N LEU A 165 2.60 -6.56 -2.74
CA LEU A 165 2.08 -7.04 -4.02
C LEU A 165 1.39 -5.94 -4.83
N HIS A 166 1.14 -4.77 -4.24
CA HIS A 166 0.55 -3.68 -4.98
C HIS A 166 1.36 -2.37 -4.97
N GLY A 167 2.60 -2.42 -4.48
CA GLY A 167 3.46 -1.22 -4.46
C GLY A 167 4.16 -1.11 -3.13
N GLY A 168 3.74 -0.15 -2.30
CA GLY A 168 4.23 0.01 -0.95
C GLY A 168 5.23 1.15 -0.85
N PHE A 169 4.73 2.33 -0.47
CA PHE A 169 5.48 3.57 -0.47
C PHE A 169 5.68 4.05 0.97
N GLY A 170 6.89 4.50 1.29
CA GLY A 170 7.16 5.03 2.60
C GLY A 170 8.30 6.03 2.61
N PHE A 171 8.87 6.22 3.80
CA PHE A 171 9.88 7.24 4.03
C PHE A 171 11.30 6.85 3.62
N SER A 172 11.42 5.72 2.92
CA SER A 172 12.62 5.35 2.20
C SER A 172 12.42 5.27 0.68
N SER A 173 11.24 5.62 0.18
CA SER A 173 10.91 5.33 -1.21
C SER A 173 11.58 6.23 -2.24
N HIS A 174 11.76 7.52 -1.95
CA HIS A 174 12.53 8.36 -2.85
C HIS A 174 13.97 7.80 -2.96
N SER A 175 14.49 7.33 -1.83
CA SER A 175 15.86 6.79 -1.78
C SER A 175 15.98 5.40 -2.41
N HIS A 176 14.98 4.55 -2.21
CA HIS A 176 15.13 3.10 -2.41
C HIS A 176 13.94 2.38 -3.06
N GLY A 177 12.92 3.11 -3.47
CA GLY A 177 11.81 2.51 -4.21
C GLY A 177 10.64 2.00 -3.39
N LEU A 178 9.84 1.14 -4.01
CA LEU A 178 8.65 0.64 -3.38
C LEU A 178 8.93 -0.73 -2.77
N ALA A 179 8.08 -1.15 -1.83
CA ALA A 179 8.26 -2.50 -1.25
C ALA A 179 8.32 -3.56 -2.34
N VAL A 180 7.49 -3.41 -3.37
CA VAL A 180 7.44 -4.34 -4.51
C VAL A 180 8.78 -4.48 -5.25
N ASP A 181 9.60 -3.43 -5.21
CA ASP A 181 10.90 -3.42 -5.85
C ASP A 181 11.95 -4.23 -5.15
N TRP A 182 11.69 -4.63 -3.90
CA TRP A 182 12.64 -5.42 -3.13
C TRP A 182 12.30 -6.91 -3.15
N ILE A 183 11.18 -7.27 -3.76
CA ILE A 183 10.84 -8.67 -3.95
C ILE A 183 11.79 -9.30 -4.97
N THR A 184 12.49 -10.36 -4.59
CA THR A 184 13.35 -11.04 -5.52
C THR A 184 12.79 -12.38 -6.03
N SER A 185 11.97 -13.04 -5.22
CA SER A 185 11.22 -14.19 -5.68
C SER A 185 10.07 -14.48 -4.72
N ALA A 186 9.18 -15.35 -5.15
CA ALA A 186 8.00 -15.70 -4.37
C ALA A 186 7.54 -17.10 -4.74
N ASP A 187 7.05 -17.84 -3.75
CA ASP A 187 6.35 -19.10 -3.98
C ASP A 187 4.86 -18.86 -3.96
N VAL A 188 4.16 -19.37 -4.96
CA VAL A 188 2.76 -19.05 -5.14
C VAL A 188 1.91 -20.30 -5.25
N VAL A 189 0.77 -20.28 -4.58
CA VAL A 189 -0.24 -21.31 -4.72
C VAL A 189 -1.27 -20.79 -5.73
N LEU A 190 -1.39 -21.49 -6.84
CA LEU A 190 -2.34 -21.12 -7.89
C LEU A 190 -3.75 -21.61 -7.55
N ALA A 191 -4.72 -21.10 -8.30
CA ALA A 191 -6.14 -21.39 -8.10
C ALA A 191 -6.51 -22.86 -8.17
N ASN A 192 -5.73 -23.66 -8.92
CA ASN A 192 -5.94 -25.11 -8.97
C ASN A 192 -5.07 -25.90 -7.98
N GLY A 193 -4.41 -25.21 -7.05
CA GLY A 193 -3.62 -25.86 -6.03
C GLY A 193 -2.17 -26.13 -6.41
N SER A 194 -1.80 -25.92 -7.68
CA SER A 194 -0.38 -26.04 -8.11
C SER A 194 0.54 -25.03 -7.42
N LEU A 195 1.81 -25.42 -7.25
CA LEU A 195 2.85 -24.57 -6.65
C LEU A 195 3.78 -24.09 -7.73
N VAL A 196 4.14 -22.81 -7.68
CA VAL A 196 5.14 -22.28 -8.59
C VAL A 196 6.06 -21.34 -7.83
N THR A 197 7.26 -21.15 -8.35
CA THR A 197 8.15 -20.13 -7.86
C THR A 197 8.25 -19.12 -8.99
N ALA A 198 8.09 -17.85 -8.63
CA ALA A 198 8.17 -16.76 -9.59
C ALA A 198 9.35 -15.86 -9.27
N SER A 199 10.08 -15.49 -10.32
CA SER A 199 11.27 -14.65 -10.22
C SER A 199 11.54 -14.08 -11.60
N GLU A 200 12.55 -13.25 -11.74
CA GLU A 200 12.91 -12.75 -13.06
C GLU A 200 13.27 -13.86 -14.06
N THR A 201 13.79 -14.99 -13.58
CA THR A 201 14.20 -16.11 -14.45
C THR A 201 13.29 -17.32 -14.42
N GLU A 202 12.16 -17.22 -13.74
CA GLU A 202 11.22 -18.33 -13.57
C GLU A 202 9.80 -17.80 -13.51
N ASN A 203 8.95 -18.27 -14.42
CA ASN A 203 7.58 -17.76 -14.57
C ASN A 203 7.57 -16.23 -14.57
N PRO A 204 8.40 -15.63 -15.44
CA PRO A 204 8.57 -14.18 -15.40
C PRO A 204 7.29 -13.40 -15.70
N ASP A 205 6.35 -14.00 -16.44
CA ASP A 205 5.05 -13.36 -16.66
C ASP A 205 4.27 -13.26 -15.35
N LEU A 206 4.23 -14.35 -14.58
CA LEU A 206 3.61 -14.32 -13.26
C LEU A 206 4.34 -13.35 -12.35
N PHE A 207 5.66 -13.39 -12.37
CA PHE A 207 6.46 -12.50 -11.53
C PHE A 207 6.14 -11.03 -11.85
N TRP A 208 5.98 -10.73 -13.13
CA TRP A 208 5.55 -9.39 -13.56
C TRP A 208 4.15 -9.03 -12.98
N ALA A 209 3.20 -9.95 -13.14
CA ALA A 209 1.84 -9.77 -12.67
C ALA A 209 1.75 -9.57 -11.15
N LEU A 210 2.47 -10.41 -10.41
CA LEU A 210 2.53 -10.29 -8.95
C LEU A 210 2.94 -8.91 -8.48
N ARG A 211 3.86 -8.28 -9.22
CA ARG A 211 4.53 -7.10 -8.72
C ARG A 211 3.77 -5.84 -9.10
N GLY A 212 2.59 -5.71 -8.49
CA GLY A 212 1.68 -4.61 -8.76
C GLY A 212 0.22 -5.00 -8.65
N ALA A 213 -0.10 -6.25 -8.97
CA ALA A 213 -1.49 -6.74 -8.97
C ALA A 213 -1.63 -8.13 -8.34
N GLY A 214 -0.73 -8.44 -7.42
CA GLY A 214 -0.57 -9.80 -6.89
C GLY A 214 -1.77 -10.48 -6.26
N SER A 215 -2.75 -9.69 -5.81
CA SER A 215 -3.96 -10.24 -5.20
C SER A 215 -4.80 -11.04 -6.18
N ASN A 216 -4.50 -10.93 -7.48
CA ASN A 216 -5.34 -11.50 -8.51
C ASN A 216 -4.88 -12.87 -9.04
N PHE A 217 -3.69 -13.32 -8.70
CA PHE A 217 -3.10 -14.44 -9.43
C PHE A 217 -2.80 -15.70 -8.65
N GLY A 218 -2.96 -15.64 -7.33
CA GLY A 218 -2.68 -16.78 -6.49
C GLY A 218 -2.46 -16.30 -5.09
N ILE A 219 -2.12 -17.20 -4.18
CA ILE A 219 -1.74 -16.79 -2.84
C ILE A 219 -0.24 -16.96 -2.73
N VAL A 220 0.47 -15.86 -2.48
CA VAL A 220 1.90 -15.96 -2.21
C VAL A 220 2.11 -16.60 -0.84
N ALA A 221 2.89 -17.67 -0.80
CA ALA A 221 3.08 -18.47 0.40
C ALA A 221 4.42 -18.20 1.05
N SER A 222 5.34 -17.58 0.31
CA SER A 222 6.65 -17.18 0.84
C SER A 222 7.17 -16.08 -0.06
N PHE A 223 7.77 -15.05 0.55
CA PHE A 223 8.46 -13.98 -0.18
C PHE A 223 9.94 -14.07 0.09
N ARG A 224 10.75 -13.72 -0.90
CA ARG A 224 12.15 -13.42 -0.66
C ARG A 224 12.38 -11.98 -1.03
N PHE A 225 12.98 -11.23 -0.10
CA PHE A 225 13.30 -9.84 -0.33
C PHE A 225 14.81 -9.62 -0.29
N LYS A 226 15.33 -8.88 -1.25
CA LYS A 226 16.63 -8.26 -1.09
C LYS A 226 16.52 -7.17 -0.02
N THR A 227 17.68 -6.74 0.48
CA THR A 227 17.76 -5.71 1.50
C THR A 227 18.90 -4.74 1.16
N PHE A 228 18.87 -3.56 1.77
CA PHE A 228 20.00 -2.65 1.75
C PHE A 228 20.52 -2.48 3.18
N ALA A 229 21.76 -2.03 3.33
CA ALA A 229 22.35 -1.82 4.66
C ALA A 229 21.68 -0.60 5.25
N ALA A 230 21.06 -0.73 6.41
CA ALA A 230 20.35 0.39 7.00
C ALA A 230 21.34 1.53 7.30
N PRO A 231 20.97 2.79 6.95
CA PRO A 231 21.87 3.87 7.32
C PRO A 231 21.93 4.01 8.83
N PRO A 232 23.10 4.42 9.36
CA PRO A 232 23.23 4.47 10.80
C PRO A 232 22.35 5.56 11.41
N ASN A 233 22.10 6.64 10.67
CA ASN A 233 21.27 7.75 11.17
C ASN A 233 20.32 8.30 10.11
N VAL A 234 19.13 8.68 10.57
CA VAL A 234 18.13 9.34 9.72
C VAL A 234 17.58 10.54 10.49
N THR A 235 17.22 11.59 9.76
CA THR A 235 16.80 12.84 10.39
C THR A 235 15.40 13.21 9.96
N SER A 236 14.47 13.22 10.91
CA SER A 236 13.12 13.66 10.63
C SER A 236 13.06 15.17 10.76
N TYR A 237 12.17 15.77 10.00
CA TYR A 237 11.99 17.21 10.00
C TYR A 237 10.62 17.57 9.48
N GLU A 238 10.25 18.82 9.74
CA GLU A 238 8.97 19.36 9.33
C GLU A 238 9.18 20.77 8.82
N ILE A 239 8.33 21.18 7.88
CA ILE A 239 8.31 22.54 7.37
C ILE A 239 6.86 22.96 7.32
N ASN A 240 6.48 23.87 8.21
CA ASN A 240 5.09 24.29 8.26
C ASN A 240 4.77 25.20 7.10
N LEU A 241 3.61 24.99 6.48
CA LEU A 241 3.26 25.71 5.25
C LEU A 241 2.06 26.61 5.52
N PRO A 242 2.14 27.88 5.07
CA PRO A 242 1.09 28.86 5.34
C PRO A 242 -0.04 28.76 4.32
N TRP A 243 -0.56 27.56 4.16
CA TRP A 243 -1.56 27.26 3.13
C TRP A 243 -2.95 27.48 3.69
N THR A 244 -3.20 28.72 4.11
CA THR A 244 -4.42 29.12 4.78
C THR A 244 -5.42 29.82 3.84
N ASN A 245 -4.99 30.12 2.63
CA ASN A 245 -5.91 30.55 1.60
C ASN A 245 -5.51 29.96 0.25
N SER A 246 -6.41 30.07 -0.72
CA SER A 246 -6.26 29.37 -1.98
C SER A 246 -5.04 29.89 -2.74
N SER A 247 -4.81 31.19 -2.66
CA SER A 247 -3.67 31.81 -3.27
C SER A 247 -2.34 31.18 -2.77
N ASN A 248 -2.21 31.01 -1.46
CA ASN A 248 -1.00 30.43 -0.87
C ASN A 248 -0.78 28.98 -1.24
N VAL A 249 -1.88 28.20 -1.30
CA VAL A 249 -1.81 26.81 -1.74
C VAL A 249 -1.29 26.75 -3.16
N VAL A 250 -1.86 27.54 -4.05
CA VAL A 250 -1.52 27.49 -5.47
C VAL A 250 -0.04 27.84 -5.66
N LYS A 251 0.38 28.93 -5.03
CA LYS A 251 1.74 29.39 -5.20
C LYS A 251 2.75 28.46 -4.57
N GLY A 252 2.44 27.94 -3.39
CA GLY A 252 3.33 27.02 -2.67
C GLY A 252 3.47 25.68 -3.38
N TRP A 253 2.34 25.12 -3.77
CA TRP A 253 2.31 23.86 -4.52
C TRP A 253 2.97 24.01 -5.90
N GLY A 254 2.69 25.13 -6.57
CA GLY A 254 3.28 25.41 -7.88
C GLY A 254 4.80 25.45 -7.78
N ALA A 255 5.31 26.09 -6.74
CA ALA A 255 6.76 26.14 -6.52
C ALA A 255 7.31 24.76 -6.18
N LEU A 256 6.59 24.05 -5.31
CA LEU A 256 7.02 22.74 -4.85
C LEU A 256 7.12 21.72 -5.98
N GLN A 257 6.10 21.64 -6.84
CA GLN A 257 6.14 20.70 -7.96
C GLN A 257 7.22 21.08 -8.96
N GLU A 258 7.38 22.37 -9.21
CA GLU A 258 8.41 22.84 -10.11
C GLU A 258 9.81 22.43 -9.57
N TRP A 259 10.00 22.57 -8.26
CA TRP A 259 11.24 22.17 -7.59
C TRP A 259 11.50 20.67 -7.71
N LEU A 260 10.48 19.87 -7.41
CA LEU A 260 10.62 18.40 -7.48
C LEU A 260 10.87 17.95 -8.92
N LEU A 261 10.04 18.46 -9.83
CA LEU A 261 10.13 18.09 -11.23
C LEU A 261 11.49 18.43 -11.83
N ASN A 262 12.06 19.53 -11.38
CA ASN A 262 13.38 19.95 -11.85
C ASN A 262 14.59 19.42 -11.07
N GLY A 263 14.42 18.39 -10.25
CA GLY A 263 15.55 17.67 -9.66
C GLY A 263 16.02 18.26 -8.35
N GLY A 264 15.16 19.04 -7.69
CA GLY A 264 15.51 19.71 -6.46
C GLY A 264 15.68 18.79 -5.26
N MET A 265 15.00 17.65 -5.26
CA MET A 265 15.00 16.77 -4.12
C MET A 265 16.08 15.72 -4.28
N PRO A 266 17.07 15.72 -3.37
CA PRO A 266 18.17 14.76 -3.49
C PRO A 266 17.72 13.35 -3.11
N GLU A 267 18.49 12.36 -3.55
CA GLU A 267 18.16 10.95 -3.32
C GLU A 267 17.96 10.59 -1.85
N GLU A 268 18.71 11.24 -0.98
CA GLU A 268 18.67 10.96 0.46
C GLU A 268 17.41 11.48 1.14
N MET A 269 16.68 12.36 0.45
CA MET A 269 15.55 13.05 1.04
C MET A 269 14.23 12.34 0.66
N ASN A 270 13.37 12.14 1.66
CA ASN A 270 12.07 11.51 1.48
C ASN A 270 11.05 12.39 2.19
N MET A 271 10.00 12.79 1.50
CA MET A 271 9.15 13.85 1.99
C MET A 271 7.73 13.80 1.42
N ARG A 272 6.82 14.44 2.15
CA ARG A 272 5.42 14.53 1.78
C ARG A 272 4.81 15.78 2.36
N VAL A 273 3.73 16.23 1.75
CA VAL A 273 2.87 17.21 2.37
C VAL A 273 1.80 16.46 3.14
N LEU A 274 1.60 16.83 4.40
CA LEU A 274 0.41 16.41 5.16
C LEU A 274 -0.45 17.62 5.41
N GLY A 275 -1.71 17.54 5.00
CA GLY A 275 -2.67 18.61 5.21
C GLY A 275 -3.92 18.12 5.91
N ASN A 276 -4.40 18.92 6.86
CA ASN A 276 -5.72 18.74 7.45
C ASN A 276 -6.32 20.12 7.67
N ALA A 277 -7.51 20.19 8.28
CA ALA A 277 -8.21 21.44 8.42
C ALA A 277 -7.47 22.47 9.27
N PHE A 278 -6.48 22.00 10.06
CA PHE A 278 -5.87 22.78 11.13
C PHE A 278 -4.36 23.03 10.97
N GLN A 279 -3.72 22.35 10.02
CA GLN A 279 -2.29 22.57 9.76
C GLN A 279 -1.91 21.93 8.43
N THR A 280 -0.98 22.56 7.73
CA THR A 280 -0.34 21.97 6.57
C THR A 280 1.17 22.05 6.75
N GLN A 281 1.86 20.94 6.50
CA GLN A 281 3.29 20.92 6.66
C GLN A 281 3.92 19.90 5.74
N LEU A 282 5.18 20.15 5.39
CA LEU A 282 6.02 19.12 4.80
C LEU A 282 6.53 18.30 5.96
N GLN A 283 6.60 16.99 5.77
CA GLN A 283 7.17 16.05 6.73
C GLN A 283 8.18 15.23 5.96
N GLY A 284 9.39 15.11 6.49
CA GLY A 284 10.42 14.36 5.81
C GLY A 284 11.23 13.43 6.67
N LEU A 285 11.95 12.56 6.00
CA LEU A 285 12.96 11.72 6.61
C LEU A 285 14.18 11.77 5.69
N TYR A 286 15.28 12.31 6.20
CA TYR A 286 16.52 12.47 5.45
C TYR A 286 17.47 11.37 5.88
N HIS A 287 17.99 10.64 4.91
CA HIS A 287 18.89 9.52 5.20
C HIS A 287 20.30 10.03 5.38
N GLY A 288 20.53 10.58 6.57
CA GLY A 288 21.77 11.26 6.92
C GLY A 288 21.54 12.08 8.18
N ASN A 289 22.57 12.82 8.60
CA ASN A 289 22.51 13.59 9.85
C ASN A 289 21.87 14.98 9.66
N ALA A 290 21.66 15.67 10.78
CA ALA A 290 20.98 16.96 10.80
C ALA A 290 21.68 18.05 10.00
N SER A 291 23.00 18.12 10.09
CA SER A 291 23.76 19.14 9.34
C SER A 291 23.71 18.88 7.84
N ALA A 292 23.78 17.62 7.44
CA ALA A 292 23.58 17.27 6.02
C ALA A 292 22.20 17.71 5.56
N LEU A 293 21.18 17.46 6.39
CA LEU A 293 19.83 17.89 6.08
C LEU A 293 19.72 19.40 5.88
N LYS A 294 20.26 20.21 6.81
CA LYS A 294 20.14 21.68 6.73
C LYS A 294 20.64 22.17 5.37
N THR A 295 21.82 21.69 5.01
CA THR A 295 22.43 22.04 3.73
C THR A 295 21.54 21.62 2.56
N ALA A 296 21.09 20.37 2.58
CA ALA A 296 20.30 19.82 1.48
C ALA A 296 18.95 20.53 1.28
N ILE A 297 18.34 20.98 2.37
CA ILE A 297 17.01 21.55 2.33
C ILE A 297 17.03 23.07 2.11
N GLN A 298 18.18 23.70 2.23
CA GLN A 298 18.26 25.16 2.16
C GLN A 298 17.58 25.76 0.91
N PRO A 299 17.89 25.23 -0.28
CA PRO A 299 17.27 25.77 -1.50
C PRO A 299 15.75 25.76 -1.47
N LEU A 300 15.13 24.68 -0.98
CA LEU A 300 13.67 24.63 -0.89
C LEU A 300 13.12 25.65 0.07
N LEU A 301 13.78 25.81 1.21
CA LEU A 301 13.39 26.80 2.19
C LEU A 301 13.43 28.22 1.59
N ALA A 302 14.49 28.51 0.85
CA ALA A 302 14.61 29.82 0.19
C ALA A 302 13.54 30.00 -0.89
N LEU A 303 13.23 28.93 -1.61
CA LEU A 303 12.17 28.96 -2.61
C LEU A 303 10.81 29.23 -1.98
N LEU A 304 10.47 28.48 -0.93
CA LEU A 304 9.17 28.61 -0.25
C LEU A 304 9.14 29.69 0.83
N ASP A 305 10.29 30.26 1.15
CA ASP A 305 10.39 31.22 2.24
C ASP A 305 9.75 30.67 3.51
N ALA A 306 10.25 29.52 3.95
CA ALA A 306 9.77 28.86 5.16
C ALA A 306 10.96 28.45 5.99
N ASN A 307 10.71 27.95 7.19
CA ASN A 307 11.78 27.49 8.06
C ASN A 307 11.61 26.02 8.43
N LEU A 308 12.72 25.39 8.78
CA LEU A 308 12.72 24.05 9.36
C LEU A 308 12.22 24.09 10.79
N SER A 309 11.53 23.03 11.19
CA SER A 309 11.23 22.81 12.60
C SER A 309 11.37 21.31 12.94
N SER A 310 11.33 21.00 14.22
CA SER A 310 11.33 19.64 14.71
C SER A 310 12.38 18.77 14.04
N VAL A 311 13.60 19.26 13.96
CA VAL A 311 14.68 18.53 13.36
C VAL A 311 15.18 17.53 14.39
N GLN A 312 15.07 16.23 14.10
CA GLN A 312 15.45 15.19 15.06
C GLN A 312 16.28 14.11 14.38
N GLU A 313 17.49 13.87 14.87
CA GLU A 313 18.29 12.74 14.38
C GLU A 313 17.87 11.47 15.09
N HIS A 314 17.90 10.36 14.37
CA HIS A 314 17.43 9.08 14.89
C HIS A 314 18.37 7.98 14.44
N ASP A 315 18.44 6.89 15.20
CA ASP A 315 18.92 5.63 14.62
C ASP A 315 17.81 5.10 13.73
N TRP A 316 18.10 4.07 12.94
CA TRP A 316 17.17 3.55 11.94
C TRP A 316 15.77 3.20 12.48
N MET A 317 15.73 2.42 13.57
CA MET A 317 14.44 1.99 14.12
C MET A 317 13.69 3.13 14.80
N GLU A 318 14.42 4.04 15.45
CA GLU A 318 13.80 5.21 16.04
C GLU A 318 13.19 6.06 14.92
N GLY A 319 13.89 6.14 13.79
CA GLY A 319 13.33 6.75 12.57
C GLY A 319 12.00 6.12 12.14
N PHE A 320 11.94 4.79 12.14
CA PHE A 320 10.68 4.12 11.80
C PHE A 320 9.61 4.43 12.81
N ARG A 321 9.94 4.34 14.11
CA ARG A 321 8.97 4.62 15.17
C ARG A 321 8.40 6.02 15.07
N HIS A 322 9.23 6.99 14.69
CA HIS A 322 8.83 8.39 14.67
C HIS A 322 7.59 8.63 13.82
N TYR A 323 7.49 7.93 12.68
CA TYR A 323 6.34 8.08 11.79
C TYR A 323 5.39 6.89 11.82
N ALA A 324 5.62 5.95 12.73
CA ALA A 324 4.79 4.75 12.83
C ALA A 324 3.46 5.05 13.49
N TYR A 325 3.44 6.03 14.40
CA TYR A 325 2.23 6.38 15.14
C TYR A 325 1.63 5.12 15.78
N SER A 326 2.45 4.46 16.58
CA SER A 326 2.09 3.17 17.15
C SER A 326 3.01 2.90 18.33
N GLY A 327 2.47 2.43 19.44
CA GLY A 327 3.29 2.02 20.57
C GLY A 327 3.99 0.72 20.21
N GLU A 328 3.20 -0.24 19.76
CA GLU A 328 3.72 -1.53 19.30
C GLU A 328 4.38 -1.42 17.92
N ILE A 329 5.61 -1.93 17.81
CA ILE A 329 6.30 -1.99 16.53
C ILE A 329 6.45 -3.42 16.05
N ASP A 330 7.04 -4.27 16.89
CA ASP A 330 7.25 -5.67 16.53
C ASP A 330 5.98 -6.46 16.80
N ILE A 331 5.00 -6.28 15.91
CA ILE A 331 3.69 -6.88 16.08
C ILE A 331 3.60 -8.25 15.40
N THR A 332 3.33 -9.27 16.20
CA THR A 332 3.07 -10.62 15.72
C THR A 332 1.83 -11.29 16.35
N ASP A 333 1.14 -10.58 17.24
CA ASP A 333 0.02 -11.13 18.00
C ASP A 333 -1.17 -11.35 17.06
N PRO A 334 -1.68 -12.60 16.99
CA PRO A 334 -2.91 -12.81 16.20
C PRO A 334 -4.13 -12.07 16.79
N GLY A 335 -4.02 -11.57 18.02
CA GLY A 335 -5.03 -10.70 18.60
C GLY A 335 -5.09 -9.28 18.01
N TYR A 336 -4.11 -8.91 17.19
CA TYR A 336 -4.08 -7.61 16.53
C TYR A 336 -5.48 -7.17 16.08
N ASP A 337 -5.92 -5.99 16.52
CA ASP A 337 -7.29 -5.56 16.23
C ASP A 337 -7.45 -4.05 16.02
N GLN A 338 -6.40 -3.40 15.52
CA GLN A 338 -6.47 -1.96 15.24
C GLN A 338 -7.46 -1.70 14.11
N SER A 339 -8.39 -0.76 14.33
CA SER A 339 -9.36 -0.41 13.29
C SER A 339 -9.85 1.01 13.39
N GLU A 340 -10.31 1.54 12.25
CA GLU A 340 -10.84 2.88 12.15
C GLU A 340 -12.10 2.82 11.29
N THR A 341 -12.86 3.92 11.28
CA THR A 341 -14.05 4.03 10.44
C THR A 341 -13.82 5.20 9.52
N PHE A 342 -13.85 4.95 8.21
CA PHE A 342 -13.45 5.96 7.24
C PHE A 342 -13.87 5.66 5.81
N TYR A 343 -13.76 6.70 4.99
CA TYR A 343 -13.71 6.57 3.53
C TYR A 343 -12.37 7.14 3.05
N SER A 344 -11.81 6.54 2.00
CA SER A 344 -10.53 6.99 1.46
C SER A 344 -10.52 6.90 -0.05
N LYS A 345 -9.80 7.83 -0.68
CA LYS A 345 -9.50 7.82 -2.10
C LYS A 345 -8.00 8.01 -2.28
N SER A 346 -7.52 7.75 -3.48
CA SER A 346 -6.13 7.97 -3.82
C SER A 346 -6.05 8.60 -5.19
N LEU A 347 -4.87 9.13 -5.50
CA LEU A 347 -4.55 9.55 -6.85
C LEU A 347 -3.05 9.36 -7.08
N VAL A 348 -2.70 9.29 -8.36
CA VAL A 348 -1.34 9.50 -8.84
C VAL A 348 -1.48 10.53 -9.93
N THR A 349 -0.71 11.61 -9.85
CA THR A 349 -0.74 12.62 -10.90
C THR A 349 0.65 13.06 -11.34
N SER A 350 0.67 13.67 -12.51
CA SER A 350 1.78 14.47 -12.99
C SER A 350 1.77 15.78 -12.20
N ALA A 351 2.62 16.72 -12.61
CA ALA A 351 2.44 18.09 -12.14
C ALA A 351 1.08 18.58 -12.61
N LEU A 352 0.53 19.52 -11.86
CA LEU A 352 -0.82 20.02 -12.12
C LEU A 352 -0.75 21.40 -12.79
N PRO A 353 -1.58 21.60 -13.82
CA PRO A 353 -1.67 22.93 -14.38
C PRO A 353 -2.26 23.88 -13.36
N PRO A 354 -1.87 25.17 -13.39
CA PRO A 354 -2.37 26.11 -12.39
C PRO A 354 -3.90 26.19 -12.25
N ASP A 355 -4.63 26.00 -13.34
CA ASP A 355 -6.10 26.05 -13.30
C ASP A 355 -6.63 24.89 -12.46
N VAL A 356 -5.97 23.74 -12.56
CA VAL A 356 -6.28 22.60 -11.68
C VAL A 356 -5.82 22.91 -10.25
N LEU A 357 -4.63 23.48 -10.08
CA LEU A 357 -4.21 23.87 -8.73
C LEU A 357 -5.28 24.78 -8.11
N GLU A 358 -5.75 25.75 -8.89
CA GLU A 358 -6.76 26.69 -8.42
C GLU A 358 -8.03 25.95 -7.98
N ARG A 359 -8.53 25.01 -8.78
CA ARG A 359 -9.75 24.30 -8.39
C ARG A 359 -9.51 23.41 -7.17
N VAL A 360 -8.35 22.75 -7.12
CA VAL A 360 -8.04 21.88 -5.99
C VAL A 360 -7.92 22.72 -4.70
N ALA A 361 -7.31 23.90 -4.81
CA ALA A 361 -7.11 24.80 -3.69
C ALA A 361 -8.42 25.39 -3.19
N GLU A 362 -9.28 25.80 -4.12
CA GLU A 362 -10.60 26.31 -3.79
C GLU A 362 -11.40 25.24 -3.02
N TYR A 363 -11.34 24.00 -3.49
CA TYR A 363 -12.05 22.92 -2.81
C TYR A 363 -11.49 22.74 -1.39
N TRP A 364 -10.17 22.79 -1.29
CA TRP A 364 -9.48 22.61 -0.02
C TRP A 364 -9.97 23.66 1.00
N ILE A 365 -9.92 24.92 0.58
CA ILE A 365 -10.19 26.04 1.47
C ILE A 365 -11.68 26.19 1.74
N GLU A 366 -12.52 26.06 0.71
CA GLU A 366 -13.96 26.34 0.82
C GLU A 366 -14.79 25.13 1.20
N THR A 367 -14.30 23.93 0.89
CA THR A 367 -15.06 22.72 1.21
C THR A 367 -14.38 21.85 2.26
N ALA A 368 -13.19 21.32 1.95
CA ALA A 368 -12.50 20.42 2.89
C ALA A 368 -12.35 21.05 4.29
N ASN A 369 -11.87 22.28 4.36
CA ASN A 369 -11.69 22.92 5.67
C ASN A 369 -12.96 23.06 6.51
N LYS A 370 -14.13 22.96 5.87
CA LYS A 370 -15.40 23.05 6.57
C LYS A 370 -16.06 21.72 6.87
N VAL A 371 -15.46 20.62 6.42
CA VAL A 371 -16.01 19.29 6.68
C VAL A 371 -15.75 18.97 8.15
N ARG A 372 -16.82 18.64 8.87
CA ARG A 372 -16.78 18.49 10.30
C ARG A 372 -16.42 17.06 10.70
N ARG A 373 -15.41 16.50 10.02
CA ARG A 373 -14.85 15.20 10.35
C ARG A 373 -13.33 15.28 10.29
N SER A 374 -12.67 14.31 10.91
CA SER A 374 -11.21 14.17 10.83
C SER A 374 -10.70 13.65 9.47
N TRP A 375 -10.46 14.56 8.55
CA TRP A 375 -9.93 14.19 7.24
C TRP A 375 -8.48 14.64 7.12
N TYR A 376 -7.74 14.03 6.21
CA TYR A 376 -6.42 14.53 5.86
C TYR A 376 -6.10 14.20 4.42
N ILE A 377 -5.14 14.94 3.89
CA ILE A 377 -4.60 14.68 2.56
C ILE A 377 -3.09 14.59 2.67
N ILE A 378 -2.54 13.55 2.07
CA ILE A 378 -1.11 13.37 1.97
C ILE A 378 -0.75 13.48 0.48
N ILE A 379 0.24 14.31 0.17
CA ILE A 379 0.80 14.40 -1.15
C ILE A 379 2.26 13.99 -1.02
N ASP A 380 2.59 12.79 -1.50
CA ASP A 380 3.95 12.31 -1.40
C ASP A 380 4.78 12.88 -2.53
N MET A 381 6.00 13.29 -2.21
CA MET A 381 7.00 13.64 -3.23
C MET A 381 7.51 12.32 -3.84
N TYR A 382 6.90 11.94 -4.94
CA TYR A 382 6.91 10.56 -5.42
C TYR A 382 7.87 10.35 -6.59
N GLY A 383 7.82 11.25 -7.58
CA GLY A 383 8.62 11.11 -8.79
C GLY A 383 9.73 12.14 -8.94
N GLY A 384 9.97 12.51 -10.19
CA GLY A 384 11.02 13.46 -10.52
C GLY A 384 12.33 12.76 -10.77
N PRO A 385 13.33 13.52 -11.22
CA PRO A 385 14.62 12.98 -11.70
C PRO A 385 15.44 12.14 -10.72
N ASN A 386 15.24 12.30 -9.42
CA ASN A 386 16.05 11.61 -8.43
C ASN A 386 15.35 10.47 -7.72
N SER A 387 14.08 10.25 -8.04
CA SER A 387 13.28 9.24 -7.37
C SER A 387 13.67 7.83 -7.79
N ALA A 388 13.96 6.99 -6.80
CA ALA A 388 14.18 5.57 -7.04
C ALA A 388 12.91 4.81 -7.50
N VAL A 389 11.73 5.33 -7.16
CA VAL A 389 10.47 4.71 -7.59
C VAL A 389 10.33 4.76 -9.11
N THR A 390 10.54 5.95 -9.67
CA THR A 390 10.39 6.18 -11.09
C THR A 390 11.66 5.93 -11.93
N ARG A 391 12.72 5.47 -11.29
CA ARG A 391 13.87 4.97 -12.02
C ARG A 391 13.63 3.55 -12.52
N VAL A 392 12.74 2.81 -11.86
CA VAL A 392 12.41 1.46 -12.29
C VAL A 392 11.82 1.55 -13.70
N PRO A 393 12.36 0.76 -14.66
CA PRO A 393 11.88 0.92 -16.03
C PRO A 393 10.44 0.44 -16.21
N PRO A 394 9.76 0.96 -17.25
CA PRO A 394 8.32 0.77 -17.42
C PRO A 394 7.88 -0.67 -17.62
N GLY A 395 8.78 -1.55 -18.03
CA GLY A 395 8.45 -2.97 -18.26
C GLY A 395 8.77 -3.92 -17.12
N ALA A 396 9.24 -3.39 -15.99
CA ALA A 396 9.75 -4.23 -14.89
C ALA A 396 8.66 -4.98 -14.10
N GLY A 397 7.43 -4.49 -14.10
CA GLY A 397 6.37 -5.08 -13.30
C GLY A 397 5.01 -4.49 -13.63
N SER A 398 3.94 -5.14 -13.18
CA SER A 398 2.60 -4.65 -13.48
C SER A 398 2.28 -3.32 -12.80
N TYR A 399 2.94 -3.02 -11.68
CA TYR A 399 2.73 -1.73 -11.03
C TYR A 399 2.89 -0.61 -12.10
N ALA A 400 1.91 0.28 -12.21
CA ALA A 400 1.74 1.11 -13.41
C ALA A 400 2.48 2.43 -13.42
N PHE A 401 2.93 2.91 -12.26
CA PHE A 401 3.29 4.32 -12.13
C PHE A 401 4.80 4.54 -11.95
N ARG A 402 5.53 4.42 -13.06
CA ARG A 402 6.99 4.45 -13.06
C ARG A 402 7.65 5.57 -13.87
N ASP A 403 6.85 6.45 -14.47
CA ASP A 403 7.38 7.57 -15.23
C ASP A 403 7.76 8.77 -14.35
N PRO A 404 9.04 9.17 -14.41
CA PRO A 404 9.55 10.23 -13.53
C PRO A 404 8.91 11.60 -13.71
N GLU A 405 8.32 11.88 -14.87
CA GLU A 405 7.61 13.16 -15.08
C GLU A 405 6.09 13.00 -14.95
N ARG A 406 5.55 11.93 -15.52
CA ARG A 406 4.11 11.73 -15.54
C ARG A 406 3.56 11.28 -14.18
N HIS A 407 4.39 10.62 -13.39
CA HIS A 407 4.00 10.13 -12.08
C HIS A 407 4.86 10.83 -11.04
N LEU A 408 4.43 12.05 -10.72
CA LEU A 408 5.17 12.98 -9.90
C LEU A 408 4.72 12.89 -8.45
N PHE A 409 3.40 12.79 -8.23
CA PHE A 409 2.80 12.81 -6.90
C PHE A 409 1.89 11.60 -6.65
N LEU A 410 1.99 11.07 -5.44
CA LEU A 410 1.07 10.08 -4.93
C LEU A 410 0.26 10.73 -3.80
N TYR A 411 -1.03 10.45 -3.78
CA TYR A 411 -1.95 11.06 -2.84
C TYR A 411 -2.75 10.03 -2.05
N GLU A 412 -2.92 10.29 -0.76
CA GLU A 412 -3.89 9.60 0.04
C GLU A 412 -4.86 10.66 0.57
N LEU A 413 -6.15 10.45 0.30
CA LEU A 413 -7.21 11.29 0.84
C LEU A 413 -8.00 10.44 1.81
N TYR A 414 -8.16 10.92 3.02
CA TYR A 414 -8.67 10.06 4.09
C TYR A 414 -9.70 10.85 4.89
N ASP A 415 -10.84 10.22 5.13
CA ASP A 415 -12.02 10.88 5.71
C ASP A 415 -12.56 9.99 6.83
N ARG A 416 -12.16 10.27 8.06
CA ARG A 416 -12.42 9.40 9.21
C ARG A 416 -13.53 9.94 10.11
N SER A 417 -14.44 9.07 10.52
CA SER A 417 -15.47 9.42 11.50
C SER A 417 -15.21 8.64 12.77
N PHE A 418 -15.55 9.23 13.92
CA PHE A 418 -15.47 8.51 15.18
C PHE A 418 -16.79 7.81 15.52
N GLY A 419 -17.92 8.34 15.13
CA GLY A 419 -19.14 7.55 15.10
C GLY A 419 -19.27 6.85 13.75
N PRO A 420 -20.49 6.35 13.43
CA PRO A 420 -20.71 5.71 12.15
C PRO A 420 -20.43 6.70 11.01
N TYR A 421 -19.91 6.20 9.90
CA TYR A 421 -19.61 7.03 8.74
C TYR A 421 -20.91 7.49 8.08
N PRO A 422 -21.11 8.82 7.91
CA PRO A 422 -22.36 9.31 7.31
C PRO A 422 -22.46 8.92 5.85
N ASP A 423 -23.64 8.46 5.46
CA ASP A 423 -23.86 7.90 4.15
C ASP A 423 -23.81 8.92 3.02
N ASP A 424 -23.90 10.21 3.36
CA ASP A 424 -23.73 11.28 2.40
C ASP A 424 -22.27 11.75 2.31
N GLY A 425 -21.38 11.16 3.11
CA GLY A 425 -20.01 11.68 3.27
C GLY A 425 -19.11 11.54 2.04
N PHE A 426 -19.42 10.56 1.20
CA PHE A 426 -18.56 10.18 0.08
C PHE A 426 -18.37 11.33 -0.90
N ALA A 427 -19.38 12.17 -1.02
CA ALA A 427 -19.33 13.35 -1.91
C ALA A 427 -18.15 14.28 -1.62
N PHE A 428 -17.71 14.33 -0.37
CA PHE A 428 -16.57 15.17 -0.01
C PHE A 428 -15.30 14.77 -0.79
N LEU A 429 -14.77 13.58 -0.54
CA LEU A 429 -13.57 13.15 -1.28
C LEU A 429 -13.83 12.96 -2.77
N ASP A 430 -15.03 12.51 -3.15
CA ASP A 430 -15.35 12.36 -4.57
C ASP A 430 -15.23 13.70 -5.30
N GLY A 431 -15.79 14.74 -4.69
CA GLY A 431 -15.71 16.09 -5.23
C GLY A 431 -14.28 16.58 -5.33
N TRP A 432 -13.47 16.28 -4.31
CA TRP A 432 -12.07 16.73 -4.30
C TRP A 432 -11.31 16.08 -5.47
N VAL A 433 -11.46 14.77 -5.63
CA VAL A 433 -10.78 14.08 -6.71
C VAL A 433 -11.22 14.62 -8.09
N HIS A 434 -12.50 14.92 -8.25
CA HIS A 434 -12.99 15.55 -9.48
C HIS A 434 -12.27 16.86 -9.81
N ALA A 435 -11.93 17.64 -8.79
CA ALA A 435 -11.16 18.89 -8.99
C ALA A 435 -9.79 18.61 -9.64
N PHE A 436 -9.20 17.46 -9.35
CA PHE A 436 -7.97 17.02 -10.03
C PHE A 436 -8.27 16.51 -11.45
N THR A 437 -9.14 15.51 -11.56
CA THR A 437 -9.21 14.72 -12.78
C THR A 437 -9.90 15.46 -13.91
N GLY A 438 -10.73 16.44 -13.57
CA GLY A 438 -11.37 17.26 -14.57
C GLY A 438 -10.40 17.93 -15.53
N GLY A 439 -9.23 18.31 -15.04
CA GLY A 439 -8.27 19.07 -15.84
C GLY A 439 -7.05 18.28 -16.28
N LEU A 440 -7.11 16.95 -16.14
CA LEU A 440 -6.01 16.08 -16.54
C LEU A 440 -6.52 15.02 -17.50
N ASP A 441 -5.80 14.84 -18.60
CA ASP A 441 -6.04 13.71 -19.47
C ASP A 441 -5.86 12.45 -18.63
N SER A 442 -6.60 11.39 -18.98
CA SER A 442 -6.53 10.13 -18.27
C SER A 442 -5.15 9.51 -18.31
N SER A 443 -4.33 9.89 -19.29
CA SER A 443 -2.93 9.45 -19.33
C SER A 443 -2.02 10.11 -18.28
N ASP A 444 -2.52 11.15 -17.60
CA ASP A 444 -1.77 11.83 -16.54
C ASP A 444 -2.28 11.60 -15.13
N TRP A 445 -3.18 10.64 -14.93
CA TRP A 445 -3.56 10.28 -13.56
C TRP A 445 -4.00 8.84 -13.48
N GLY A 446 -3.85 8.29 -12.29
CA GLY A 446 -4.30 6.96 -11.98
C GLY A 446 -4.63 6.91 -10.50
N MET A 447 -4.86 5.71 -10.00
CA MET A 447 -5.15 5.52 -8.59
C MET A 447 -4.39 4.30 -8.06
N TYR A 448 -4.32 4.19 -6.75
CA TYR A 448 -3.39 3.28 -6.08
C TYR A 448 -4.15 2.34 -5.16
N ILE A 449 -4.14 1.07 -5.53
CA ILE A 449 -4.98 0.08 -4.87
C ILE A 449 -4.58 -0.20 -3.42
N ASN A 450 -3.38 0.18 -3.02
CA ASN A 450 -3.05 0.11 -1.60
C ASN A 450 -3.86 1.10 -0.74
N TYR A 451 -4.51 2.08 -1.36
CA TYR A 451 -5.58 2.84 -0.72
C TYR A 451 -6.88 2.54 -1.47
N ALA A 452 -7.29 1.29 -1.38
CA ALA A 452 -8.38 0.75 -2.18
C ALA A 452 -9.67 1.52 -1.94
N ASP A 453 -10.32 1.91 -3.02
CA ASP A 453 -11.49 2.79 -2.97
C ASP A 453 -12.70 2.03 -3.52
N PRO A 454 -13.54 1.47 -2.62
CA PRO A 454 -14.70 0.66 -3.06
C PRO A 454 -15.81 1.47 -3.71
N GLY A 455 -15.67 2.79 -3.72
CA GLY A 455 -16.59 3.63 -4.49
C GLY A 455 -16.46 3.42 -5.98
N LEU A 456 -15.31 2.95 -6.46
CA LEU A 456 -15.09 2.71 -7.90
C LEU A 456 -15.77 1.42 -8.32
N ASP A 457 -16.52 1.44 -9.44
CA ASP A 457 -17.04 0.19 -10.00
C ASP A 457 -15.88 -0.66 -10.55
N ARG A 458 -16.15 -1.92 -10.86
CA ARG A 458 -15.10 -2.87 -11.20
C ARG A 458 -14.32 -2.46 -12.45
N ALA A 459 -15.03 -2.07 -13.50
CA ALA A 459 -14.38 -1.65 -14.74
C ALA A 459 -13.48 -0.45 -14.52
N GLU A 460 -14.02 0.58 -13.88
CA GLU A 460 -13.23 1.78 -13.64
C GLU A 460 -12.02 1.49 -12.74
N ALA A 461 -12.20 0.71 -11.67
CA ALA A 461 -11.10 0.36 -10.76
C ALA A 461 -9.91 -0.27 -11.49
N GLN A 462 -10.19 -1.29 -12.29
CA GLN A 462 -9.12 -1.92 -13.06
C GLN A 462 -8.37 -0.92 -13.93
N GLU A 463 -9.10 0.01 -14.54
CA GLU A 463 -8.51 0.99 -15.44
C GLU A 463 -7.64 1.99 -14.68
N VAL A 464 -8.16 2.52 -13.58
CA VAL A 464 -7.41 3.55 -12.83
C VAL A 464 -6.25 2.95 -12.03
N TYR A 465 -6.39 1.73 -11.51
CA TYR A 465 -5.33 1.10 -10.72
C TYR A 465 -4.15 0.63 -11.57
N TYR A 466 -4.45 0.16 -12.79
CA TYR A 466 -3.43 -0.52 -13.61
C TYR A 466 -3.14 0.12 -14.97
N ARG A 467 -4.00 1.04 -15.41
CA ARG A 467 -3.77 1.81 -16.63
C ARG A 467 -3.19 0.98 -17.80
N GLN A 468 -2.01 1.34 -18.30
CA GLN A 468 -1.46 0.74 -19.51
C GLN A 468 -1.17 -0.76 -19.36
N ASN A 469 -1.10 -1.26 -18.12
CA ASN A 469 -0.79 -2.68 -17.86
C ASN A 469 -2.01 -3.59 -17.67
N LEU A 470 -3.21 -3.04 -17.76
CA LEU A 470 -4.42 -3.83 -17.59
C LEU A 470 -4.54 -4.97 -18.59
N ASP A 471 -4.32 -4.67 -19.87
CA ASP A 471 -4.54 -5.68 -20.91
C ASP A 471 -3.71 -6.92 -20.69
N ARG A 472 -2.43 -6.74 -20.40
CA ARG A 472 -1.58 -7.88 -20.17
C ARG A 472 -1.99 -8.60 -18.88
N LEU A 473 -2.33 -7.84 -17.85
CA LEU A 473 -2.86 -8.43 -16.61
C LEU A 473 -4.09 -9.31 -16.85
N ARG A 474 -5.00 -8.85 -17.70
CA ARG A 474 -6.20 -9.62 -18.03
C ARG A 474 -5.82 -10.90 -18.79
N ARG A 475 -4.83 -10.82 -19.66
CA ARG A 475 -4.38 -12.03 -20.37
C ARG A 475 -3.78 -13.07 -19.42
N ILE A 476 -2.96 -12.63 -18.47
CA ILE A 476 -2.33 -13.52 -17.48
C ILE A 476 -3.38 -14.07 -16.49
N LYS A 477 -4.40 -13.25 -16.20
CA LYS A 477 -5.50 -13.70 -15.34
C LYS A 477 -6.28 -14.88 -15.95
N GLN A 478 -6.58 -14.76 -17.24
CA GLN A 478 -7.20 -15.85 -18.00
C GLN A 478 -6.34 -17.14 -17.97
N GLN A 479 -5.03 -16.98 -18.06
CA GLN A 479 -4.11 -18.13 -18.04
C GLN A 479 -4.02 -18.80 -16.68
N LEU A 480 -4.04 -18.00 -15.60
CA LEU A 480 -3.76 -18.49 -14.25
C LEU A 480 -4.97 -18.69 -13.33
N ASP A 481 -6.01 -17.90 -13.52
CA ASP A 481 -7.22 -18.05 -12.71
C ASP A 481 -8.46 -17.78 -13.57
N PRO A 482 -8.69 -18.65 -14.58
CA PRO A 482 -9.81 -18.43 -15.49
C PRO A 482 -11.18 -18.50 -14.81
N THR A 483 -11.32 -19.29 -13.74
CA THR A 483 -12.60 -19.34 -13.02
C THR A 483 -12.78 -18.21 -12.00
N GLU A 484 -11.78 -17.34 -11.83
CA GLU A 484 -11.82 -16.24 -10.86
C GLU A 484 -12.09 -16.75 -9.44
N LEU A 485 -11.34 -17.75 -9.03
CA LEU A 485 -11.42 -18.24 -7.67
C LEU A 485 -11.07 -17.12 -6.70
N PHE A 486 -10.09 -16.30 -7.06
CA PHE A 486 -9.62 -15.22 -6.18
C PHE A 486 -10.38 -13.91 -6.39
N TYR A 487 -11.62 -14.02 -6.83
CA TYR A 487 -12.46 -12.88 -7.10
C TYR A 487 -12.61 -11.97 -5.88
N TYR A 488 -12.58 -10.66 -6.16
CA TYR A 488 -13.16 -9.68 -5.28
C TYR A 488 -13.71 -8.54 -6.17
N PRO A 489 -14.51 -7.63 -5.62
CA PRO A 489 -15.25 -6.70 -6.50
C PRO A 489 -14.41 -5.77 -7.40
N GLN A 490 -13.11 -5.63 -7.12
CA GLN A 490 -12.22 -4.87 -7.99
C GLN A 490 -11.08 -5.69 -8.55
N ALA A 491 -11.31 -7.01 -8.63
CA ALA A 491 -10.35 -7.92 -9.23
C ALA A 491 -10.27 -7.73 -10.72
N VAL A 492 -9.09 -8.01 -11.26
CA VAL A 492 -8.85 -8.04 -12.69
C VAL A 492 -9.76 -9.10 -13.31
N GLU A 493 -10.39 -8.75 -14.43
CA GLU A 493 -11.25 -9.69 -15.15
C GLU A 493 -10.41 -10.49 -16.12
N PRO A 494 -10.66 -11.81 -16.22
CA PRO A 494 -9.98 -12.57 -17.26
C PRO A 494 -10.26 -11.98 -18.64
N ALA A 495 -9.26 -11.97 -19.50
CA ALA A 495 -9.46 -11.60 -20.88
C ALA A 495 -10.40 -12.63 -21.52
N GLU A 496 -11.18 -12.18 -22.49
CA GLU A 496 -12.00 -13.11 -23.27
C GLU A 496 -11.12 -13.77 -24.32
N VAL A 497 -11.15 -15.09 -24.39
CA VAL A 497 -10.36 -15.81 -25.38
C VAL A 497 -11.29 -16.53 -26.34
#